data_7I29
#
_entry.id   7I29
#
_cell.length_a   82.275
_cell.length_b   117.416
_cell.length_c   148.916
_cell.angle_alpha   90.00
_cell.angle_beta   90.00
_cell.angle_gamma   90.00
#
_symmetry.space_group_name_H-M   'I 2 2 2'
#
loop_
_entity.id
_entity.type
_entity.pdbx_description
1 polymer 'NS5 RNA-dependent RNA polymerase'
2 non-polymer 'ZINC ION'
3 non-polymer '2-(N-MORPHOLINO)-ETHANESULFONIC ACID'
4 non-polymer 'DIMETHYL SULFOXIDE'
5 non-polymer DI(HYDROXYETHYL)ETHER
6 non-polymer 'PHOSPHATE ION'
7 non-polymer N-[4-(2-amino-1,3-thiazol-4-yl)phenyl]acetamide
8 non-polymer 'CHLORIDE ION'
9 water water
#
_entity_poly.entity_id   1
_entity_poly.type   'polypeptide(L)'
_entity_poly.pdbx_seq_one_letter_code
;GPGIESETPNLDIIGKRIEKIKQEHETSWHYDQDHPYKTWAYHGSYETKQTGSASSMVNGVVRLLTKPWDIIPMVTQMAM
TDTTPFGQQRVFKEKVDTRTQEPKEGTKKLMKITAEWLWKELGKKKTPRMCTREEFTRKVRSNAALGAIFTDENKWKSAR
EAVEDSGFWELVDKERNLHLEGKCETCVYNMMGKREKKLGEFGKAKGSRAIWYMWLGARFLEFEALGFLNEDHWFSRENS
LSGVEGEGLHKLGYILRDVSKKEGGAMYADDTAGWDTRITLEDLKNEEMVTNHMEGEHKKLAEAIFKLTYQNKVVRVQRP
TPRGTVMDIISRRDQRGSGQVVTYGLNTFTNMEAQLIRQMEGEGVFKSIQHLTVTEEIAVKNWLVRVGRERLSRMAISGD
DCVVKPLDDRFASALTALNDMGKVRKDIQQWEPSRGWNDWTQVPFCSHHFHELIMKDGRVLVVPCRNQDELIGRARISQG
AGWSLRETACLGKSYAQMWSLMYFHRRDLRLAANAICSAVPSHWVPTSRTTWSIHATHEWMTTEDMLTVWNRVWIQENPW
MEDKTPVESWEEIPYLGKREDQWCGSLIGLTSRATWAKNIQTAINQVRSLIGNEEYTDYMPSMKRFRREEEEAGVLW
;
_entity_poly.pdbx_strand_id   A
#
loop_
_chem_comp.id
_chem_comp.type
_chem_comp.name
_chem_comp.formula
CL non-polymer 'CHLORIDE ION' 'Cl -1'
DMS non-polymer 'DIMETHYL SULFOXIDE' 'C2 H6 O S'
MES non-polymer '2-(N-MORPHOLINO)-ETHANESULFONIC ACID' 'C6 H13 N O4 S'
O0J non-polymer N-[4-(2-amino-1,3-thiazol-4-yl)phenyl]acetamide 'C11 H11 N3 O S'
PEG non-polymer DI(HYDROXYETHYL)ETHER 'C4 H10 O3'
PO4 non-polymer 'PHOSPHATE ION' 'O4 P -3'
ZN non-polymer 'ZINC ION' 'Zn 2'
#
# COMPACT_ATOMS: atom_id res chain seq x y z
N ASN A 10 -9.37 24.63 -19.57
CA ASN A 10 -8.27 25.03 -18.65
C ASN A 10 -8.84 25.85 -17.48
N LEU A 11 -8.97 27.16 -17.61
CA LEU A 11 -9.31 28.04 -16.44
C LEU A 11 -10.80 28.07 -16.16
N ASP A 12 -11.61 27.65 -17.13
CA ASP A 12 -13.07 27.56 -16.85
C ASP A 12 -13.27 26.59 -15.69
N ILE A 13 -12.22 25.86 -15.30
CA ILE A 13 -12.37 24.81 -14.25
C ILE A 13 -11.39 25.09 -13.12
N ILE A 14 -10.25 25.70 -13.40
CA ILE A 14 -9.26 25.89 -12.31
C ILE A 14 -9.40 27.33 -11.83
N GLY A 15 -10.05 28.17 -12.63
CA GLY A 15 -10.19 29.61 -12.30
C GLY A 15 -10.92 29.89 -11.01
N LYS A 16 -12.11 29.32 -10.83
CA LYS A 16 -12.90 29.64 -9.61
C LYS A 16 -12.02 29.39 -8.39
N ARG A 17 -11.38 28.22 -8.33
CA ARG A 17 -10.52 27.87 -7.18
C ARG A 17 -9.37 28.88 -7.08
N ILE A 18 -8.72 29.17 -8.22
CA ILE A 18 -7.57 30.11 -8.21
C ILE A 18 -8.10 31.48 -7.76
N GLU A 19 -9.16 31.97 -8.38
CA GLU A 19 -9.64 33.34 -8.02
C GLU A 19 -9.85 33.37 -6.51
N LYS A 20 -10.54 32.36 -5.97
CA LYS A 20 -10.86 32.36 -4.52
C LYS A 20 -9.56 32.49 -3.71
N ILE A 21 -8.53 31.73 -4.05
CA ILE A 21 -7.27 31.72 -3.25
C ILE A 21 -6.60 33.09 -3.40
N LYS A 22 -6.64 33.67 -4.59
CA LYS A 22 -5.99 34.99 -4.83
C LYS A 22 -6.70 36.05 -3.97
N GLN A 23 -8.02 36.16 -4.09
CA GLN A 23 -8.81 37.15 -3.30
C GLN A 23 -8.38 37.08 -1.83
N GLU A 24 -8.37 35.88 -1.24
CA GLU A 24 -8.05 35.76 0.21
C GLU A 24 -6.60 36.16 0.44
N HIS A 25 -5.82 36.28 -0.64
CA HIS A 25 -4.39 36.65 -0.51
C HIS A 25 -4.05 37.81 -1.47
N GLU A 26 -4.77 38.93 -1.37
CA GLU A 26 -4.58 40.02 -2.38
C GLU A 26 -3.30 40.82 -2.16
N THR A 27 -2.87 40.99 -0.92
CA THR A 27 -1.69 41.83 -0.58
C THR A 27 -0.44 41.27 -1.29
N SER A 28 -0.13 39.97 -1.13
CA SER A 28 1.15 39.35 -1.56
C SER A 28 0.95 38.48 -2.82
N TRP A 29 0.09 38.88 -3.74
CA TRP A 29 -0.17 38.12 -4.99
C TRP A 29 0.93 38.42 -6.02
N HIS A 30 2.20 38.33 -5.60
CA HIS A 30 3.38 38.62 -6.43
C HIS A 30 3.60 37.48 -7.44
N TYR A 31 3.46 37.77 -8.73
CA TYR A 31 3.69 36.85 -9.88
C TYR A 31 5.20 36.71 -10.10
N ASP A 32 5.88 36.01 -9.20
CA ASP A 32 7.37 35.86 -9.17
C ASP A 32 7.84 35.18 -10.46
N GLN A 33 8.73 35.84 -11.20
CA GLN A 33 9.32 35.35 -12.48
C GLN A 33 10.50 34.42 -12.15
N ASP A 34 10.68 34.10 -10.87
CA ASP A 34 11.77 33.22 -10.35
C ASP A 34 11.24 31.81 -10.10
N HIS A 35 9.96 31.57 -10.40
CA HIS A 35 9.24 30.29 -10.17
C HIS A 35 9.95 29.16 -10.91
N PRO A 36 10.29 28.04 -10.22
CA PRO A 36 11.02 26.94 -10.83
C PRO A 36 10.13 25.87 -11.51
N TYR A 37 9.23 26.29 -12.40
CA TYR A 37 8.22 25.40 -13.05
C TYR A 37 8.42 25.39 -14.56
N LYS A 38 8.28 24.21 -15.16
CA LYS A 38 8.30 23.98 -16.63
C LYS A 38 7.00 23.28 -17.03
N THR A 39 6.75 22.08 -16.49
CA THR A 39 5.57 21.23 -16.77
C THR A 39 4.38 21.70 -15.92
N TRP A 40 4.60 21.94 -14.64
CA TRP A 40 3.58 22.47 -13.68
C TRP A 40 3.24 23.92 -14.06
N ALA A 41 2.04 24.14 -14.59
CA ALA A 41 1.49 25.47 -14.95
C ALA A 41 1.44 26.34 -13.69
N TYR A 42 1.94 27.57 -13.80
CA TYR A 42 2.09 28.55 -12.69
C TYR A 42 1.21 29.78 -12.96
N HIS A 43 0.16 29.94 -12.16
CA HIS A 43 -0.89 30.99 -12.33
C HIS A 43 -0.53 32.23 -11.51
N GLY A 44 0.21 32.04 -10.40
CA GLY A 44 0.56 33.11 -9.45
C GLY A 44 1.08 32.55 -8.13
N SER A 45 1.56 33.46 -7.27
CA SER A 45 2.19 33.17 -5.96
C SER A 45 1.72 34.21 -4.93
N TYR A 46 1.90 33.93 -3.64
CA TYR A 46 1.47 34.79 -2.50
C TYR A 46 2.19 34.35 -1.21
N SER A 55 10.28 15.14 11.34
CA SER A 55 11.49 14.34 11.67
C SER A 55 11.07 13.00 12.31
N SER A 56 11.88 11.97 12.08
CA SER A 56 11.69 10.61 12.67
C SER A 56 12.27 10.58 14.10
N MET A 57 11.37 10.64 15.08
CA MET A 57 11.69 10.46 16.52
C MET A 57 12.09 8.99 16.73
N VAL A 58 12.80 8.71 17.82
CA VAL A 58 13.22 7.34 18.19
C VAL A 58 12.29 6.80 19.27
N ASN A 59 11.82 5.56 19.08
CA ASN A 59 11.07 4.83 20.11
C ASN A 59 12.03 4.25 21.15
N GLY A 60 12.11 4.86 22.33
CA GLY A 60 13.03 4.44 23.41
C GLY A 60 12.78 3.07 23.97
N VAL A 61 11.51 2.64 24.05
CA VAL A 61 11.23 1.28 24.53
C VAL A 61 11.84 0.25 23.58
N VAL A 62 11.63 0.40 22.27
CA VAL A 62 12.17 -0.62 21.30
C VAL A 62 13.71 -0.52 21.30
N ARG A 63 14.26 0.68 21.34
CA ARG A 63 15.75 0.86 21.25
C ARG A 63 16.38 0.23 22.49
N LEU A 64 15.88 0.47 23.70
CA LEU A 64 16.54 -0.11 24.89
C LEU A 64 16.53 -1.64 24.84
N LEU A 65 15.61 -2.25 24.11
CA LEU A 65 15.48 -3.75 24.06
C LEU A 65 16.10 -4.34 22.78
N THR A 66 16.81 -3.54 22.02
CA THR A 66 17.53 -3.98 20.83
C THR A 66 18.96 -3.39 20.82
N LYS A 67 19.66 -3.46 21.95
CA LYS A 67 20.99 -2.83 22.11
C LYS A 67 21.99 -3.27 21.04
N PRO A 68 22.07 -4.52 20.60
CA PRO A 68 23.10 -4.93 19.64
C PRO A 68 23.05 -4.11 18.34
N TRP A 69 21.84 -3.63 17.98
CA TRP A 69 21.62 -2.84 16.75
C TRP A 69 22.02 -1.38 16.95
N ASP A 70 22.48 -0.95 18.15
CA ASP A 70 22.89 0.46 18.31
C ASP A 70 24.19 0.77 17.55
N ILE A 71 24.93 -0.27 17.13
CA ILE A 71 26.22 -0.14 16.42
C ILE A 71 26.10 -0.63 14.96
N ILE A 72 24.90 -0.84 14.45
CA ILE A 72 24.67 -1.28 13.05
C ILE A 72 24.14 -0.09 12.27
N PRO A 73 24.94 0.48 11.35
CA PRO A 73 24.54 1.70 10.63
C PRO A 73 23.29 1.54 9.77
N MET A 74 23.03 0.33 9.26
CA MET A 74 21.81 0.16 8.44
C MET A 74 20.55 0.37 9.32
N VAL A 75 20.63 0.13 10.63
CA VAL A 75 19.50 0.41 11.57
C VAL A 75 19.60 1.86 12.01
N THR A 76 20.75 2.29 12.49
CA THR A 76 20.82 3.60 13.18
C THR A 76 20.63 4.73 12.19
N GLN A 77 21.06 4.58 10.93
CA GLN A 77 20.88 5.63 9.89
C GLN A 77 19.41 5.82 9.54
N MET A 78 18.53 4.84 9.68
CA MET A 78 17.11 5.01 9.29
C MET A 78 16.43 6.12 10.11
N ALA A 79 16.85 6.37 11.36
CA ALA A 79 16.22 7.37 12.26
C ALA A 79 16.77 8.79 11.98
N MET A 80 17.82 8.95 11.17
CA MET A 80 18.45 10.29 10.96
C MET A 80 17.84 11.10 9.80
N THR A 81 18.08 12.42 9.79
CA THR A 81 17.84 13.32 8.63
C THR A 81 16.39 13.37 8.22
N LYS A 95 9.83 13.52 -9.51
CA LYS A 95 9.61 13.60 -10.98
C LYS A 95 8.29 14.32 -11.25
N VAL A 96 7.63 14.84 -10.21
CA VAL A 96 6.34 15.57 -10.32
C VAL A 96 6.47 16.56 -11.48
N ASP A 97 7.65 17.18 -11.62
CA ASP A 97 7.96 18.14 -12.70
C ASP A 97 8.56 17.37 -13.89
N THR A 98 7.71 16.64 -14.62
CA THR A 98 8.01 15.97 -15.92
C THR A 98 6.70 15.84 -16.72
N ARG A 99 6.81 15.52 -18.01
CA ARG A 99 5.65 15.23 -18.89
C ARG A 99 5.77 13.80 -19.42
N THR A 100 4.68 13.28 -20.00
CA THR A 100 4.61 11.93 -20.62
C THR A 100 4.03 12.05 -22.03
N GLN A 101 4.83 11.77 -23.06
CA GLN A 101 4.38 11.80 -24.48
C GLN A 101 3.04 11.05 -24.59
N GLU A 102 2.12 11.57 -25.38
CA GLU A 102 0.81 10.94 -25.66
C GLU A 102 1.06 9.58 -26.30
N PRO A 103 0.37 8.51 -25.82
CA PRO A 103 0.49 7.18 -26.44
C PRO A 103 0.01 7.23 -27.88
N LYS A 104 0.43 6.26 -28.70
CA LYS A 104 0.08 6.14 -30.14
C LYS A 104 -1.34 5.55 -30.25
N GLU A 105 -1.96 5.69 -31.43
CA GLU A 105 -3.37 5.29 -31.65
C GLU A 105 -3.60 3.81 -31.34
N GLY A 106 -2.68 2.92 -31.76
CA GLY A 106 -2.74 1.50 -31.42
C GLY A 106 -2.81 1.31 -29.90
N THR A 107 -1.91 1.97 -29.16
CA THR A 107 -1.81 1.90 -27.68
C THR A 107 -3.12 2.36 -27.03
N LYS A 108 -3.64 3.53 -27.43
CA LYS A 108 -4.93 4.14 -26.96
C LYS A 108 -6.12 3.20 -27.19
N LYS A 109 -6.21 2.55 -28.35
CA LYS A 109 -7.25 1.54 -28.66
C LYS A 109 -7.09 0.34 -27.73
N LEU A 110 -5.85 -0.12 -27.50
CA LEU A 110 -5.59 -1.33 -26.65
C LEU A 110 -6.04 -1.00 -25.22
N MET A 111 -5.68 0.17 -24.75
CA MET A 111 -6.04 0.56 -23.37
C MET A 111 -7.57 0.69 -23.19
N LYS A 112 -8.27 1.29 -24.18
CA LYS A 112 -9.73 1.58 -24.11
C LYS A 112 -10.50 0.26 -24.11
N ILE A 113 -10.18 -0.66 -25.02
CA ILE A 113 -10.84 -1.99 -25.13
C ILE A 113 -10.59 -2.76 -23.83
N THR A 114 -9.35 -2.70 -23.32
CA THR A 114 -8.99 -3.47 -22.11
C THR A 114 -9.70 -2.87 -20.87
N ALA A 115 -9.69 -1.56 -20.72
CA ALA A 115 -10.35 -0.86 -19.59
C ALA A 115 -11.86 -1.13 -19.57
N GLU A 116 -12.51 -1.01 -20.72
CA GLU A 116 -13.97 -1.28 -20.85
C GLU A 116 -14.26 -2.70 -20.37
N TRP A 117 -13.46 -3.66 -20.81
CA TRP A 117 -13.66 -5.09 -20.48
C TRP A 117 -13.45 -5.27 -18.97
N LEU A 118 -12.42 -4.62 -18.42
CA LEU A 118 -11.97 -4.85 -17.03
C LEU A 118 -13.02 -4.26 -16.07
N TRP A 119 -13.52 -3.06 -16.33
CA TRP A 119 -14.61 -2.45 -15.48
C TRP A 119 -15.84 -3.38 -15.45
N LYS A 120 -16.25 -3.90 -16.62
CA LYS A 120 -17.35 -4.88 -16.73
C LYS A 120 -17.05 -6.13 -15.91
N GLU A 121 -15.83 -6.68 -15.97
CA GLU A 121 -15.51 -7.89 -15.18
C GLU A 121 -15.62 -7.53 -13.69
N LEU A 122 -15.10 -6.36 -13.28
CA LEU A 122 -15.02 -6.03 -11.84
C LEU A 122 -16.45 -5.75 -11.32
N GLY A 123 -17.34 -5.35 -12.24
CA GLY A 123 -18.75 -4.97 -11.98
C GLY A 123 -19.71 -6.14 -12.04
N LYS A 124 -19.36 -7.30 -12.60
CA LYS A 124 -20.31 -8.42 -12.71
C LYS A 124 -20.93 -8.76 -11.35
N LYS A 125 -20.15 -8.75 -10.27
CA LYS A 125 -20.60 -9.21 -8.94
C LYS A 125 -20.62 -8.06 -7.93
N LYS A 126 -20.58 -6.82 -8.38
CA LYS A 126 -20.51 -5.66 -7.46
C LYS A 126 -21.48 -4.61 -7.96
N THR A 127 -21.92 -3.70 -7.08
CA THR A 127 -22.85 -2.59 -7.44
C THR A 127 -22.25 -1.30 -6.95
N PRO A 128 -21.87 -0.39 -7.85
CA PRO A 128 -21.37 0.91 -7.43
C PRO A 128 -22.44 1.60 -6.57
N ARG A 129 -22.00 2.41 -5.62
CA ARG A 129 -22.87 3.10 -4.65
C ARG A 129 -22.08 4.19 -3.92
N MET A 130 -22.79 5.23 -3.44
CA MET A 130 -22.22 6.31 -2.62
C MET A 130 -21.90 5.78 -1.23
N CYS A 131 -20.78 6.25 -0.68
CA CYS A 131 -20.40 6.05 0.72
C CYS A 131 -21.09 7.18 1.51
N THR A 132 -21.33 6.99 2.82
CA THR A 132 -22.19 7.91 3.61
C THR A 132 -21.37 8.64 4.67
N ARG A 133 -21.76 9.88 4.97
CA ARG A 133 -21.24 10.67 6.14
C ARG A 133 -21.14 9.72 7.33
N GLU A 134 -22.23 8.99 7.60
CA GLU A 134 -22.32 7.98 8.67
C GLU A 134 -21.13 7.02 8.56
N GLU A 135 -20.67 6.75 7.33
CA GLU A 135 -19.46 5.91 7.05
C GLU A 135 -18.21 6.76 7.20
N PHE A 136 -18.25 8.00 6.69
CA PHE A 136 -17.10 8.94 6.69
C PHE A 136 -16.70 9.25 8.14
N THR A 137 -17.68 9.60 8.98
CA THR A 137 -17.48 9.89 10.42
C THR A 137 -16.86 8.66 11.09
N ARG A 138 -17.48 7.48 10.91
CA ARG A 138 -17.03 6.22 11.54
C ARG A 138 -15.51 6.12 11.41
N LYS A 139 -14.99 6.25 10.19
CA LYS A 139 -13.53 6.24 9.91
C LYS A 139 -12.86 7.29 10.81
N VAL A 140 -13.42 8.51 10.82
CA VAL A 140 -12.86 9.68 11.57
C VAL A 140 -12.91 9.40 13.07
N ARG A 141 -13.96 8.73 13.55
CA ARG A 141 -14.13 8.33 14.97
C ARG A 141 -12.94 7.46 15.38
N SER A 142 -12.61 6.46 14.56
CA SER A 142 -11.33 5.71 14.62
C SER A 142 -10.23 6.58 14.00
N ASN A 143 -9.11 5.99 13.56
CA ASN A 143 -7.95 6.75 13.01
C ASN A 143 -7.47 6.13 11.70
N ALA A 144 -8.12 6.48 10.59
CA ALA A 144 -7.72 6.09 9.20
C ALA A 144 -7.27 7.35 8.45
N ALA A 145 -5.96 7.48 8.21
CA ALA A 145 -5.35 8.60 7.46
C ALA A 145 -6.31 9.02 6.33
N LEU A 146 -6.78 10.28 6.39
CA LEU A 146 -7.76 10.86 5.42
C LEU A 146 -7.07 11.93 4.57
N GLY A 147 -5.74 12.04 4.68
CA GLY A 147 -4.94 13.06 3.99
C GLY A 147 -5.58 14.43 4.07
N ALA A 148 -6.11 14.79 5.26
CA ALA A 148 -6.76 16.09 5.55
C ALA A 148 -5.69 17.14 5.89
N ILE A 149 -6.12 18.38 6.17
CA ILE A 149 -5.23 19.53 6.52
C ILE A 149 -5.87 20.30 7.68
N TRP A 156 -11.85 24.30 13.30
CA TRP A 156 -11.53 23.22 14.27
C TRP A 156 -10.12 22.70 14.02
N LYS A 157 -9.56 21.94 14.97
CA LYS A 157 -8.15 21.50 14.82
C LYS A 157 -8.13 19.99 14.55
N SER A 158 -9.09 19.27 15.12
CA SER A 158 -9.18 17.82 14.83
C SER A 158 -10.31 17.59 13.83
N ALA A 159 -10.12 16.61 12.93
CA ALA A 159 -11.18 16.25 11.96
C ALA A 159 -12.39 15.73 12.73
N ARG A 160 -12.17 15.18 13.92
CA ARG A 160 -13.29 14.67 14.74
C ARG A 160 -14.25 15.82 15.09
N GLU A 161 -13.83 17.08 14.99
CA GLU A 161 -14.69 18.23 15.39
C GLU A 161 -15.39 18.84 14.17
N ALA A 162 -14.89 18.57 12.98
CA ALA A 162 -15.45 19.10 11.71
C ALA A 162 -16.78 18.39 11.39
N VAL A 163 -16.77 17.06 11.39
CA VAL A 163 -17.94 16.22 10.98
C VAL A 163 -19.07 16.41 12.00
N GLU A 164 -18.72 16.72 13.24
CA GLU A 164 -19.74 16.95 14.31
C GLU A 164 -20.35 18.34 14.14
N ASP A 165 -19.56 19.33 13.73
CA ASP A 165 -20.14 20.66 13.46
C ASP A 165 -21.00 20.59 12.20
N SER A 166 -22.28 20.94 12.31
CA SER A 166 -23.17 20.99 11.12
C SER A 166 -22.73 22.12 10.17
N GLY A 167 -21.79 22.96 10.61
CA GLY A 167 -21.26 24.00 9.71
C GLY A 167 -20.42 23.37 8.61
N PHE A 168 -19.63 22.35 8.97
CA PHE A 168 -18.75 21.67 7.97
C PHE A 168 -19.62 21.15 6.83
N TRP A 169 -20.65 20.39 7.16
CA TRP A 169 -21.49 19.76 6.11
C TRP A 169 -22.14 20.83 5.23
N GLU A 170 -22.44 22.00 5.80
CA GLU A 170 -23.00 23.11 4.98
C GLU A 170 -22.00 23.48 3.89
N LEU A 171 -20.73 23.59 4.23
CA LEU A 171 -19.69 23.86 3.21
C LEU A 171 -19.63 22.67 2.25
N VAL A 172 -19.72 21.46 2.80
CA VAL A 172 -19.70 20.23 1.95
C VAL A 172 -20.90 20.32 1.00
N ASP A 173 -22.04 20.78 1.54
CA ASP A 173 -23.27 20.86 0.71
C ASP A 173 -23.02 21.84 -0.44
N LYS A 174 -22.42 22.99 -0.15
CA LYS A 174 -22.24 24.02 -1.21
C LYS A 174 -21.38 23.42 -2.34
N GLU A 175 -20.21 22.87 -2.01
CA GLU A 175 -19.31 22.28 -3.03
C GLU A 175 -20.05 21.11 -3.68
N ARG A 176 -20.79 20.34 -2.90
CA ARG A 176 -21.53 19.15 -3.39
C ARG A 176 -22.50 19.63 -4.48
N ASN A 177 -23.21 20.73 -4.22
CA ASN A 177 -24.20 21.33 -5.16
C ASN A 177 -23.46 21.85 -6.39
N LEU A 178 -22.31 22.49 -6.18
CA LEU A 178 -21.42 23.00 -7.26
C LEU A 178 -20.98 21.84 -8.16
N HIS A 179 -20.57 20.72 -7.56
CA HIS A 179 -20.18 19.49 -8.33
C HIS A 179 -21.33 19.03 -9.24
N LEU A 180 -22.56 18.97 -8.70
CA LEU A 180 -23.79 18.60 -9.43
C LEU A 180 -24.01 19.59 -10.59
N GLU A 181 -23.58 20.84 -10.41
CA GLU A 181 -23.61 21.90 -11.46
C GLU A 181 -22.41 21.81 -12.42
N GLY A 182 -21.40 20.99 -12.11
CA GLY A 182 -20.18 20.78 -12.93
C GLY A 182 -19.06 21.78 -12.63
N LYS A 183 -19.03 22.32 -11.41
CA LYS A 183 -18.07 23.38 -10.96
C LYS A 183 -17.52 23.00 -9.58
N CYS A 184 -16.32 23.47 -9.22
CA CYS A 184 -15.64 23.26 -7.91
C CYS A 184 -15.07 24.59 -7.44
N GLU A 185 -14.82 24.76 -6.13
CA GLU A 185 -14.30 26.02 -5.55
C GLU A 185 -13.20 25.75 -4.53
N THR A 186 -13.30 24.64 -3.77
CA THR A 186 -12.47 24.42 -2.56
C THR A 186 -11.78 23.05 -2.60
N CYS A 187 -11.80 22.35 -3.74
CA CYS A 187 -11.09 21.06 -3.93
C CYS A 187 -9.70 21.31 -4.55
N VAL A 188 -8.73 21.68 -3.71
CA VAL A 188 -7.33 22.02 -4.08
C VAL A 188 -6.37 21.24 -3.16
N TYR A 189 -5.31 20.68 -3.75
CA TYR A 189 -4.30 19.86 -3.02
C TYR A 189 -3.19 20.76 -2.48
N ASN A 190 -2.58 20.32 -1.37
CA ASN A 190 -1.39 20.95 -0.75
C ASN A 190 -0.25 19.91 -0.74
N MET A 191 0.58 19.92 -1.79
CA MET A 191 1.67 18.92 -2.03
C MET A 191 2.69 18.98 -0.89
N MET A 192 2.91 17.83 -0.22
CA MET A 192 3.79 17.71 0.97
C MET A 192 4.20 16.24 1.14
N ALA A 210 5.45 13.44 -4.08
CA ALA A 210 5.18 13.95 -2.72
C ALA A 210 3.93 13.28 -2.14
N ILE A 211 3.21 13.98 -1.25
CA ILE A 211 1.85 13.60 -0.75
C ILE A 211 0.98 14.85 -0.79
N TRP A 212 -0.14 14.79 -1.53
CA TRP A 212 -1.09 15.91 -1.72
C TRP A 212 -2.25 15.75 -0.73
N TYR A 213 -2.34 16.64 0.27
CA TYR A 213 -3.44 16.72 1.26
C TYR A 213 -4.47 17.77 0.79
N MET A 214 -5.76 17.39 0.76
CA MET A 214 -6.90 18.30 0.48
C MET A 214 -7.57 18.65 1.80
N TRP A 215 -8.58 19.53 1.78
CA TRP A 215 -9.45 19.80 2.97
C TRP A 215 -10.44 18.63 3.09
N LEU A 216 -11.00 18.43 4.30
CA LEU A 216 -11.87 17.27 4.63
C LEU A 216 -13.09 17.23 3.70
N GLY A 217 -13.66 18.40 3.42
CA GLY A 217 -14.85 18.56 2.55
C GLY A 217 -14.64 17.90 1.20
N ALA A 218 -13.46 18.10 0.59
CA ALA A 218 -13.05 17.53 -0.71
C ALA A 218 -12.81 16.02 -0.54
N ARG A 219 -12.21 15.63 0.59
CA ARG A 219 -11.89 14.22 0.95
C ARG A 219 -13.20 13.44 1.11
N PHE A 220 -14.05 13.88 2.04
CA PHE A 220 -15.40 13.28 2.24
C PHE A 220 -16.03 13.07 0.86
N LEU A 221 -16.10 14.16 0.08
CA LEU A 221 -16.69 14.18 -1.29
C LEU A 221 -16.05 13.06 -2.14
N GLU A 222 -14.72 13.10 -2.29
CA GLU A 222 -13.96 12.01 -2.95
C GLU A 222 -14.53 10.67 -2.45
N PHE A 223 -14.66 10.51 -1.13
CA PHE A 223 -15.03 9.23 -0.47
C PHE A 223 -16.46 8.85 -0.81
N GLU A 224 -17.32 9.86 -0.88
CA GLU A 224 -18.74 9.64 -1.19
C GLU A 224 -18.86 9.04 -2.60
N ALA A 225 -18.06 9.52 -3.54
CA ALA A 225 -18.22 9.14 -4.96
C ALA A 225 -17.42 7.89 -5.29
N LEU A 226 -16.25 7.67 -4.68
CA LEU A 226 -15.33 6.60 -5.17
C LEU A 226 -14.89 5.67 -4.04
N GLY A 227 -15.40 5.84 -2.83
CA GLY A 227 -15.00 5.02 -1.68
C GLY A 227 -15.47 3.59 -1.80
N PHE A 228 -16.49 3.37 -2.62
CA PHE A 228 -17.05 2.03 -2.84
C PHE A 228 -15.96 1.07 -3.35
N LEU A 229 -14.98 1.57 -4.10
CA LEU A 229 -13.93 0.67 -4.68
C LEU A 229 -13.20 -0.06 -3.54
N ASN A 230 -12.87 0.68 -2.52
CA ASN A 230 -12.18 0.10 -1.35
C ASN A 230 -13.19 -0.50 -0.36
N GLU A 231 -14.25 0.24 -0.03
CA GLU A 231 -15.20 -0.17 1.07
C GLU A 231 -15.87 -1.48 0.70
N ASP A 232 -16.15 -1.73 -0.60
CA ASP A 232 -16.83 -2.96 -1.09
C ASP A 232 -15.85 -3.87 -1.86
N HIS A 233 -14.55 -3.66 -1.68
CA HIS A 233 -13.53 -4.70 -2.02
C HIS A 233 -13.52 -5.08 -3.50
N TRP A 234 -13.55 -4.11 -4.39
CA TRP A 234 -13.52 -4.32 -5.85
C TRP A 234 -12.21 -5.04 -6.29
N PHE A 235 -11.11 -4.78 -5.58
CA PHE A 235 -9.77 -5.32 -5.89
C PHE A 235 -9.41 -6.51 -4.99
N SER A 236 -10.41 -7.21 -4.42
CA SER A 236 -10.21 -8.52 -3.75
C SER A 236 -9.81 -9.57 -4.80
N ARG A 237 -9.02 -10.56 -4.42
CA ARG A 237 -8.62 -11.64 -5.35
C ARG A 237 -9.88 -12.33 -5.87
N GLU A 238 -10.95 -12.33 -5.06
CA GLU A 238 -12.28 -12.91 -5.42
C GLU A 238 -12.91 -12.07 -6.55
N ASN A 239 -12.93 -10.74 -6.44
CA ASN A 239 -13.59 -9.90 -7.47
C ASN A 239 -12.68 -9.60 -8.67
N SER A 240 -11.35 -9.63 -8.50
CA SER A 240 -10.34 -9.15 -9.50
C SER A 240 -9.43 -10.29 -10.02
N LEU A 241 -9.21 -11.35 -9.24
CA LEU A 241 -8.31 -12.51 -9.56
C LEU A 241 -6.83 -12.11 -9.42
N SER A 242 -6.43 -10.95 -9.96
CA SER A 242 -5.04 -10.41 -9.88
C SER A 242 -4.84 -9.62 -8.59
N GLY A 243 -5.94 -9.19 -7.98
CA GLY A 243 -5.90 -8.31 -6.80
C GLY A 243 -5.54 -9.08 -5.55
N VAL A 244 -5.01 -8.34 -4.57
CA VAL A 244 -4.73 -8.86 -3.20
C VAL A 244 -5.27 -7.87 -2.15
N GLU A 245 -6.38 -7.17 -2.44
CA GLU A 245 -6.99 -6.29 -1.38
C GLU A 245 -7.56 -7.18 -0.27
N GLY A 246 -7.30 -6.82 0.97
CA GLY A 246 -7.81 -7.53 2.17
C GLY A 246 -7.00 -8.76 2.50
N GLU A 247 -5.87 -8.98 1.81
CA GLU A 247 -5.09 -10.25 1.97
C GLU A 247 -4.22 -10.18 3.23
N GLY A 248 -3.19 -9.34 3.28
CA GLY A 248 -2.24 -9.39 4.41
C GLY A 248 -1.10 -10.37 4.19
N LEU A 249 -0.12 -10.39 5.10
N LEU A 249 -0.04 -10.34 5.01
CA LEU A 249 1.25 -10.93 4.88
CA LEU A 249 1.28 -11.00 4.72
C LEU A 249 1.29 -12.46 5.02
C LEU A 249 1.22 -12.51 4.89
N HIS A 250 0.39 -13.02 5.82
CA HIS A 250 0.22 -14.49 6.06
C HIS A 250 -0.46 -15.13 4.84
N LYS A 251 -0.85 -14.30 3.86
CA LYS A 251 -1.53 -14.75 2.62
C LYS A 251 -0.63 -14.58 1.38
N LEU A 252 0.04 -13.44 1.27
CA LEU A 252 0.73 -13.03 0.02
C LEU A 252 1.69 -14.13 -0.51
N GLY A 253 2.41 -14.83 0.36
CA GLY A 253 3.32 -15.88 -0.11
C GLY A 253 2.54 -17.05 -0.63
N TYR A 254 1.46 -17.45 0.06
CA TYR A 254 0.61 -18.53 -0.48
C TYR A 254 0.10 -18.16 -1.88
N ILE A 255 -0.27 -16.91 -2.05
CA ILE A 255 -0.83 -16.47 -3.33
C ILE A 255 0.27 -16.58 -4.41
N LEU A 256 1.51 -16.12 -4.14
CA LEU A 256 2.60 -16.23 -5.13
C LEU A 256 2.91 -17.71 -5.43
N ARG A 257 2.82 -18.57 -4.42
CA ARG A 257 3.10 -20.01 -4.66
C ARG A 257 2.00 -20.56 -5.58
N ASP A 258 0.77 -20.12 -5.42
CA ASP A 258 -0.36 -20.57 -6.31
C ASP A 258 -0.10 -20.09 -7.77
N VAL A 259 0.30 -18.86 -8.00
CA VAL A 259 0.69 -18.30 -9.33
C VAL A 259 1.83 -19.17 -9.89
N SER A 260 2.78 -19.59 -9.05
CA SER A 260 3.94 -20.41 -9.48
C SER A 260 3.49 -21.76 -10.05
N LYS A 261 2.31 -22.25 -9.65
CA LYS A 261 1.76 -23.58 -10.03
C LYS A 261 1.31 -23.56 -11.50
N LYS A 262 1.08 -22.38 -12.07
CA LYS A 262 0.61 -22.23 -13.47
C LYS A 262 1.76 -22.55 -14.43
N GLU A 263 1.52 -23.42 -15.41
CA GLU A 263 2.51 -23.65 -16.49
C GLU A 263 2.78 -22.29 -17.13
N GLY A 264 4.06 -21.99 -17.36
CA GLY A 264 4.46 -20.77 -18.09
C GLY A 264 5.92 -20.48 -17.92
N GLY A 265 6.31 -19.23 -18.15
CA GLY A 265 7.73 -18.90 -18.15
C GLY A 265 8.15 -18.43 -16.76
N ALA A 266 9.15 -17.56 -16.71
CA ALA A 266 9.71 -17.04 -15.44
C ALA A 266 8.64 -16.20 -14.78
N MET A 267 8.85 -15.84 -13.51
CA MET A 267 7.97 -14.88 -12.79
C MET A 267 8.61 -13.48 -12.87
N TYR A 268 7.93 -12.51 -13.50
CA TYR A 268 8.44 -11.15 -13.73
C TYR A 268 7.91 -10.21 -12.64
N ALA A 269 8.75 -9.33 -12.13
CA ALA A 269 8.39 -8.38 -11.05
C ALA A 269 9.07 -7.06 -11.33
N ASP A 270 8.68 -6.43 -12.42
CA ASP A 270 9.36 -5.20 -12.83
C ASP A 270 8.72 -4.04 -12.09
N ASP A 271 9.52 -3.19 -11.47
CA ASP A 271 9.08 -1.91 -10.85
C ASP A 271 8.94 -0.84 -11.93
N THR A 272 8.03 0.12 -11.73
CA THR A 272 7.92 1.36 -12.53
C THR A 272 8.55 2.50 -11.73
N ALA A 273 9.44 3.28 -12.34
CA ALA A 273 9.99 4.52 -11.76
C ALA A 273 8.86 5.55 -11.61
N GLY A 274 8.62 6.04 -10.39
CA GLY A 274 7.63 7.08 -10.07
C GLY A 274 6.29 6.85 -10.75
N TRP A 275 5.66 5.68 -10.54
CA TRP A 275 4.44 5.23 -11.25
C TRP A 275 3.41 6.36 -11.38
N ASP A 276 3.08 7.04 -10.29
CA ASP A 276 2.07 8.12 -10.21
C ASP A 276 2.43 9.23 -11.23
N THR A 277 3.73 9.56 -11.34
CA THR A 277 4.24 10.62 -12.25
C THR A 277 4.16 10.12 -13.70
N ARG A 278 3.88 8.83 -13.91
CA ARG A 278 3.75 8.22 -15.26
C ARG A 278 2.26 8.10 -15.65
N ILE A 279 1.34 8.42 -14.75
CA ILE A 279 -0.13 8.34 -15.02
C ILE A 279 -0.48 9.43 -16.04
N THR A 280 -1.11 9.02 -17.15
CA THR A 280 -1.42 9.95 -18.25
C THR A 280 -2.91 10.32 -18.26
N LEU A 281 -3.28 11.30 -19.08
CA LEU A 281 -4.69 11.72 -19.19
C LEU A 281 -5.52 10.59 -19.80
N GLU A 282 -4.92 9.80 -20.71
CA GLU A 282 -5.63 8.65 -21.32
C GLU A 282 -5.97 7.61 -20.25
N ASP A 283 -5.02 7.36 -19.35
CA ASP A 283 -5.26 6.40 -18.23
C ASP A 283 -6.45 6.90 -17.43
N LEU A 284 -6.49 8.20 -17.19
CA LEU A 284 -7.55 8.84 -16.38
C LEU A 284 -8.91 8.70 -17.08
N LYS A 285 -8.96 8.99 -18.39
CA LYS A 285 -10.16 8.78 -19.24
C LYS A 285 -10.59 7.31 -19.10
N ASN A 286 -9.64 6.38 -19.04
CA ASN A 286 -10.00 4.95 -18.91
C ASN A 286 -10.54 4.63 -17.50
N GLU A 287 -9.91 5.19 -16.46
CA GLU A 287 -10.36 4.99 -15.06
C GLU A 287 -11.80 5.52 -14.95
N GLU A 288 -12.01 6.75 -15.44
CA GLU A 288 -13.29 7.50 -15.40
C GLU A 288 -14.44 6.63 -15.93
N MET A 289 -14.16 5.66 -16.80
CA MET A 289 -15.22 4.78 -17.38
C MET A 289 -15.93 3.96 -16.29
N VAL A 290 -15.43 3.89 -15.05
CA VAL A 290 -16.21 3.25 -13.96
C VAL A 290 -17.59 3.93 -13.87
N THR A 291 -17.68 5.22 -14.20
CA THR A 291 -18.96 6.02 -14.11
C THR A 291 -20.03 5.55 -15.10
N ASN A 292 -19.65 4.89 -16.19
CA ASN A 292 -20.58 4.24 -17.14
C ASN A 292 -21.46 3.19 -16.44
N HIS A 293 -21.06 2.77 -15.24
CA HIS A 293 -21.71 1.68 -14.47
C HIS A 293 -22.59 2.26 -13.36
N MET A 294 -22.65 3.57 -13.27
CA MET A 294 -23.36 4.29 -12.20
C MET A 294 -24.66 4.87 -12.77
N GLU A 295 -25.46 5.53 -11.92
CA GLU A 295 -26.75 6.16 -12.30
C GLU A 295 -27.05 7.27 -11.31
N GLY A 296 -28.03 8.12 -11.65
CA GLY A 296 -28.56 9.20 -10.80
C GLY A 296 -27.49 10.17 -10.37
N GLU A 297 -27.62 10.65 -9.13
CA GLU A 297 -26.74 11.56 -8.38
C GLU A 297 -25.30 10.99 -8.25
N HIS A 298 -25.16 9.70 -8.01
CA HIS A 298 -23.84 9.02 -7.88
C HIS A 298 -23.02 9.26 -9.16
N LYS A 299 -23.60 8.94 -10.32
CA LYS A 299 -22.95 9.13 -11.64
C LYS A 299 -22.43 10.58 -11.75
N LYS A 300 -23.24 11.58 -11.39
CA LYS A 300 -22.85 12.99 -11.65
C LYS A 300 -21.76 13.38 -10.66
N LEU A 301 -21.93 12.97 -9.41
CA LEU A 301 -20.94 13.23 -8.36
C LEU A 301 -19.57 12.55 -8.68
N ALA A 302 -19.57 11.30 -9.21
CA ALA A 302 -18.30 10.60 -9.57
C ALA A 302 -17.68 11.32 -10.77
N GLU A 303 -18.51 11.71 -11.75
CA GLU A 303 -18.06 12.39 -13.01
C GLU A 303 -17.37 13.70 -12.66
N ALA A 304 -17.82 14.40 -11.62
CA ALA A 304 -17.23 15.67 -11.15
C ALA A 304 -15.88 15.43 -10.45
N ILE A 305 -15.77 14.38 -9.62
CA ILE A 305 -14.44 14.05 -9.00
C ILE A 305 -13.42 13.86 -10.13
N PHE A 306 -13.71 13.01 -11.11
CA PHE A 306 -12.81 12.70 -12.26
C PHE A 306 -12.48 13.96 -13.09
N LYS A 307 -13.51 14.73 -13.48
CA LYS A 307 -13.38 15.93 -14.37
C LYS A 307 -12.67 17.07 -13.64
N LEU A 308 -13.14 17.42 -12.43
CA LEU A 308 -12.76 18.69 -11.76
C LEU A 308 -11.54 18.52 -10.86
N THR A 309 -11.31 17.35 -10.29
CA THR A 309 -10.25 17.17 -9.28
C THR A 309 -9.10 16.25 -9.71
N TYR A 310 -9.32 15.34 -10.65
CA TYR A 310 -8.34 14.28 -11.04
C TYR A 310 -7.72 14.64 -12.40
N GLN A 311 -8.51 15.21 -13.32
CA GLN A 311 -8.12 15.44 -14.74
C GLN A 311 -7.83 16.92 -15.02
N ASN A 312 -8.14 17.82 -14.08
CA ASN A 312 -7.90 19.29 -14.19
C ASN A 312 -7.56 19.84 -12.80
N LYS A 313 -6.44 19.40 -12.23
CA LYS A 313 -6.10 19.67 -10.82
C LYS A 313 -5.65 21.13 -10.66
N VAL A 314 -5.56 21.56 -9.41
CA VAL A 314 -4.92 22.81 -8.93
C VAL A 314 -4.29 22.45 -7.58
N VAL A 315 -3.07 22.90 -7.30
CA VAL A 315 -2.34 22.52 -6.05
C VAL A 315 -1.59 23.73 -5.48
N ARG A 316 -1.27 23.67 -4.19
CA ARG A 316 -0.47 24.69 -3.45
C ARG A 316 0.87 24.06 -3.04
N VAL A 317 1.96 24.83 -3.11
CA VAL A 317 3.36 24.35 -2.89
C VAL A 317 4.18 25.43 -2.18
N GLN A 318 4.95 25.04 -1.17
CA GLN A 318 6.00 25.86 -0.51
C GLN A 318 7.37 25.48 -1.07
N MET A 327 3.95 30.36 -1.91
CA MET A 327 2.90 29.37 -2.34
C MET A 327 2.55 29.64 -3.80
N ASP A 328 3.04 28.79 -4.71
CA ASP A 328 2.75 28.84 -6.17
C ASP A 328 1.42 28.12 -6.44
N ILE A 329 0.62 28.65 -7.35
CA ILE A 329 -0.73 28.14 -7.73
C ILE A 329 -0.67 27.61 -9.16
N ILE A 330 -0.41 26.30 -9.32
CA ILE A 330 -0.13 25.63 -10.62
C ILE A 330 -1.28 24.65 -10.93
N SER A 331 -1.35 24.15 -12.16
CA SER A 331 -2.38 23.16 -12.53
C SER A 331 -1.79 22.11 -13.47
N ARG A 332 -2.14 20.84 -13.29
CA ARG A 332 -1.70 19.83 -14.29
C ARG A 332 -2.92 18.97 -14.58
N ARG A 333 -3.03 18.52 -15.83
CA ARG A 333 -4.22 17.74 -16.23
C ARG A 333 -3.87 16.25 -16.28
N ASP A 334 -2.69 15.88 -15.77
CA ASP A 334 -2.25 14.46 -15.78
C ASP A 334 -1.52 14.11 -14.48
N GLN A 335 -0.98 12.90 -14.38
CA GLN A 335 -0.30 12.40 -13.16
C GLN A 335 -1.35 12.01 -12.11
N ARG A 336 -1.00 11.07 -11.22
CA ARG A 336 -1.90 10.70 -10.10
C ARG A 336 -1.74 11.71 -8.96
N GLY A 337 -2.85 12.31 -8.52
CA GLY A 337 -2.85 13.28 -7.41
C GLY A 337 -4.17 13.28 -6.67
N SER A 338 -4.56 12.13 -6.11
CA SER A 338 -5.86 11.93 -5.41
C SER A 338 -5.64 11.35 -4.01
N GLY A 339 -6.70 10.82 -3.40
CA GLY A 339 -6.63 10.19 -2.06
C GLY A 339 -5.87 8.88 -2.11
N GLN A 340 -5.06 8.59 -1.08
CA GLN A 340 -4.16 7.42 -1.02
C GLN A 340 -4.96 6.13 -1.26
N VAL A 341 -6.17 6.01 -0.67
CA VAL A 341 -7.00 4.77 -0.79
C VAL A 341 -7.58 4.69 -2.21
N VAL A 342 -8.13 5.80 -2.73
CA VAL A 342 -8.58 5.83 -4.14
C VAL A 342 -7.35 5.63 -5.05
N THR A 343 -6.23 6.27 -4.76
CA THR A 343 -4.97 6.08 -5.53
C THR A 343 -4.61 4.59 -5.62
N TYR A 344 -4.69 3.86 -4.52
CA TYR A 344 -4.32 2.43 -4.46
C TYR A 344 -5.23 1.64 -5.42
N GLY A 345 -6.54 1.86 -5.37
CA GLY A 345 -7.50 1.12 -6.22
C GLY A 345 -7.33 1.45 -7.71
N LEU A 346 -7.15 2.69 -8.06
CA LEU A 346 -7.02 3.05 -9.50
C LEU A 346 -5.62 2.66 -10.05
N ASN A 347 -4.58 2.77 -9.24
CA ASN A 347 -3.23 2.23 -9.58
C ASN A 347 -3.37 0.72 -9.79
N THR A 348 -4.09 -0.03 -8.94
CA THR A 348 -4.28 -1.49 -9.18
C THR A 348 -4.95 -1.73 -10.53
N PHE A 349 -5.99 -0.97 -10.81
CA PHE A 349 -6.82 -1.12 -12.03
C PHE A 349 -5.93 -0.95 -13.27
N THR A 350 -5.27 0.17 -13.32
CA THR A 350 -4.47 0.59 -14.50
C THR A 350 -3.25 -0.34 -14.62
N ASN A 351 -2.68 -0.82 -13.52
CA ASN A 351 -1.55 -1.80 -13.58
C ASN A 351 -2.08 -3.13 -14.10
N MET A 352 -3.31 -3.51 -13.73
CA MET A 352 -3.86 -4.77 -14.21
C MET A 352 -4.00 -4.60 -15.74
N GLU A 353 -4.53 -3.46 -16.14
CA GLU A 353 -4.80 -3.20 -17.60
C GLU A 353 -3.47 -3.28 -18.39
N ALA A 354 -2.45 -2.53 -17.97
CA ALA A 354 -1.12 -2.47 -18.58
C ALA A 354 -0.48 -3.86 -18.68
N GLN A 355 -0.57 -4.66 -17.62
CA GLN A 355 0.06 -5.98 -17.65
C GLN A 355 -0.71 -6.96 -18.56
N LEU A 356 -2.05 -6.86 -18.70
CA LEU A 356 -2.78 -7.73 -19.64
C LEU A 356 -2.31 -7.38 -21.06
N ILE A 357 -2.13 -6.11 -21.35
CA ILE A 357 -1.65 -5.61 -22.67
C ILE A 357 -0.22 -6.08 -22.93
N ARG A 358 0.65 -6.04 -21.92
CA ARG A 358 2.01 -6.59 -22.07
C ARG A 358 1.91 -8.08 -22.32
N GLN A 359 1.03 -8.82 -21.62
CA GLN A 359 0.77 -10.26 -21.95
C GLN A 359 0.27 -10.38 -23.42
N MET A 360 -0.64 -9.54 -23.87
CA MET A 360 -1.17 -9.66 -25.28
C MET A 360 0.00 -9.48 -26.26
N GLU A 361 0.85 -8.49 -26.03
CA GLU A 361 2.06 -8.26 -26.85
C GLU A 361 2.92 -9.51 -26.91
N GLY A 362 3.24 -10.14 -25.78
CA GLY A 362 4.08 -11.34 -25.78
C GLY A 362 3.44 -12.46 -26.59
N GLU A 363 2.12 -12.55 -26.52
CA GLU A 363 1.36 -13.65 -27.16
C GLU A 363 1.13 -13.35 -28.65
N GLY A 364 1.52 -12.20 -29.16
CA GLY A 364 1.35 -11.87 -30.58
C GLY A 364 -0.11 -11.63 -30.93
N VAL A 365 -0.91 -11.03 -30.02
CA VAL A 365 -2.36 -10.79 -30.26
C VAL A 365 -2.48 -9.62 -31.24
N PHE A 366 -1.63 -8.62 -31.08
CA PHE A 366 -1.49 -7.49 -32.04
C PHE A 366 -0.04 -7.46 -32.49
N LYS A 367 0.23 -6.88 -33.66
CA LYS A 367 1.57 -6.88 -34.30
C LYS A 367 2.24 -5.54 -34.05
N SER A 368 1.50 -4.44 -33.94
CA SER A 368 2.10 -3.10 -33.75
C SER A 368 1.18 -2.11 -33.02
N ILE A 369 1.80 -1.23 -32.23
CA ILE A 369 1.14 -0.20 -31.36
C ILE A 369 0.84 1.07 -32.16
N GLN A 370 1.22 1.07 -33.43
CA GLN A 370 1.03 2.27 -34.29
C GLN A 370 -0.46 2.40 -34.62
N HIS A 371 -1.09 1.30 -34.99
CA HIS A 371 -2.56 1.31 -35.24
C HIS A 371 -3.05 -0.14 -35.24
N LEU A 372 -4.33 -0.34 -34.91
CA LEU A 372 -4.88 -1.71 -34.83
C LEU A 372 -5.82 -1.95 -36.01
N THR A 373 -5.70 -3.12 -36.66
CA THR A 373 -6.57 -3.48 -37.79
C THR A 373 -7.89 -4.03 -37.26
N VAL A 374 -9.01 -3.64 -37.86
CA VAL A 374 -10.34 -4.18 -37.44
C VAL A 374 -10.19 -5.60 -36.92
N THR A 375 -9.57 -6.49 -37.71
CA THR A 375 -9.44 -7.92 -37.31
C THR A 375 -8.79 -8.02 -35.93
N GLU A 376 -7.73 -7.23 -35.70
CA GLU A 376 -7.00 -7.29 -34.41
C GLU A 376 -7.88 -6.76 -33.27
N GLU A 377 -8.69 -5.74 -33.54
CA GLU A 377 -9.58 -5.19 -32.49
C GLU A 377 -10.49 -6.33 -32.02
N ILE A 378 -10.99 -7.14 -32.95
CA ILE A 378 -11.85 -8.33 -32.62
C ILE A 378 -10.98 -9.40 -31.93
N ALA A 379 -9.75 -9.58 -32.39
CA ALA A 379 -8.81 -10.57 -31.81
C ALA A 379 -8.50 -10.21 -30.35
N VAL A 380 -8.22 -8.94 -30.08
CA VAL A 380 -7.97 -8.48 -28.68
C VAL A 380 -9.23 -8.72 -27.84
N LYS A 381 -10.37 -8.21 -28.30
CA LYS A 381 -11.65 -8.40 -27.56
C LYS A 381 -11.85 -9.89 -27.35
N ASN A 382 -11.61 -10.69 -28.38
CA ASN A 382 -11.88 -12.14 -28.26
C ASN A 382 -10.92 -12.79 -27.27
N TRP A 383 -9.64 -12.41 -27.32
CA TRP A 383 -8.60 -12.86 -26.33
C TRP A 383 -9.12 -12.63 -24.88
N LEU A 384 -9.60 -11.42 -24.60
CA LEU A 384 -10.16 -11.04 -23.26
C LEU A 384 -11.30 -11.99 -22.87
N VAL A 385 -12.38 -12.04 -23.65
CA VAL A 385 -13.58 -12.89 -23.36
C VAL A 385 -13.12 -14.33 -23.17
N ARG A 386 -12.21 -14.81 -24.03
CA ARG A 386 -11.76 -16.22 -24.08
C ARG A 386 -10.80 -16.53 -22.92
N VAL A 387 -9.74 -15.72 -22.74
CA VAL A 387 -8.64 -16.07 -21.76
C VAL A 387 -8.37 -14.97 -20.71
N GLY A 388 -9.03 -13.82 -20.77
CA GLY A 388 -8.79 -12.64 -19.91
C GLY A 388 -8.71 -13.02 -18.43
N ARG A 389 -9.65 -13.83 -17.95
CA ARG A 389 -9.74 -14.22 -16.51
C ARG A 389 -8.57 -15.15 -16.12
N GLU A 390 -8.27 -16.21 -16.88
CA GLU A 390 -7.10 -17.11 -16.59
C GLU A 390 -5.82 -16.27 -16.53
N ARG A 391 -5.78 -15.19 -17.31
CA ARG A 391 -4.60 -14.32 -17.50
C ARG A 391 -4.44 -13.37 -16.30
N LEU A 392 -5.50 -12.64 -15.90
CA LEU A 392 -5.47 -11.77 -14.69
C LEU A 392 -5.00 -12.61 -13.49
N SER A 393 -5.25 -13.92 -13.57
CA SER A 393 -4.94 -14.92 -12.51
C SER A 393 -3.45 -15.20 -12.43
N ARG A 394 -2.68 -14.91 -13.49
CA ARG A 394 -1.21 -15.11 -13.55
C ARG A 394 -0.57 -13.85 -12.98
N MET A 395 -1.36 -12.98 -12.35
CA MET A 395 -0.83 -11.72 -11.76
C MET A 395 -1.23 -11.57 -10.28
N ALA A 396 -0.29 -11.04 -9.49
CA ALA A 396 -0.50 -10.49 -8.14
C ALA A 396 -0.13 -9.03 -8.22
N ILE A 397 -1.13 -8.17 -8.05
CA ILE A 397 -1.02 -6.71 -8.30
C ILE A 397 -1.56 -5.95 -7.08
N SER A 398 -0.69 -5.17 -6.48
CA SER A 398 -0.94 -4.31 -5.32
C SER A 398 -0.53 -2.89 -5.70
N GLY A 399 -1.49 -2.11 -6.22
CA GLY A 399 -1.20 -0.78 -6.76
C GLY A 399 -0.12 -0.87 -7.82
N ASP A 400 0.98 -0.10 -7.69
CA ASP A 400 2.02 -0.09 -8.74
C ASP A 400 2.91 -1.36 -8.66
N ASP A 401 2.69 -2.28 -7.72
CA ASP A 401 3.57 -3.46 -7.53
C ASP A 401 2.95 -4.66 -8.23
N CYS A 402 3.68 -5.35 -9.09
CA CYS A 402 3.15 -6.56 -9.74
C CYS A 402 4.16 -7.69 -9.75
N VAL A 403 3.60 -8.85 -9.84
CA VAL A 403 4.25 -10.15 -10.18
C VAL A 403 3.35 -10.77 -11.26
N VAL A 404 3.97 -11.15 -12.38
CA VAL A 404 3.27 -11.79 -13.55
C VAL A 404 4.00 -13.09 -13.88
N LYS A 405 3.24 -14.18 -14.01
CA LYS A 405 3.73 -15.45 -14.61
C LYS A 405 3.06 -15.59 -15.98
N PRO A 406 3.67 -15.05 -17.06
CA PRO A 406 3.08 -15.13 -18.40
C PRO A 406 3.09 -16.53 -18.98
N LEU A 407 2.40 -16.70 -20.09
CA LEU A 407 2.31 -18.01 -20.79
C LEU A 407 3.71 -18.57 -21.19
N ASP A 408 4.68 -17.71 -21.46
CA ASP A 408 6.07 -18.07 -21.86
C ASP A 408 6.91 -16.82 -21.78
N ASP A 409 8.19 -16.91 -22.10
CA ASP A 409 9.17 -15.85 -21.86
C ASP A 409 9.21 -14.81 -23.00
N ARG A 410 8.35 -14.90 -24.02
CA ARG A 410 8.29 -13.80 -25.02
C ARG A 410 7.96 -12.49 -24.31
N PHE A 411 7.16 -12.56 -23.23
CA PHE A 411 6.85 -11.45 -22.30
C PHE A 411 8.08 -10.63 -21.97
N ALA A 412 9.25 -11.25 -21.70
CA ALA A 412 10.47 -10.53 -21.27
C ALA A 412 10.87 -9.36 -22.19
N SER A 413 10.71 -9.52 -23.52
CA SER A 413 11.12 -8.49 -24.52
C SER A 413 9.89 -7.88 -25.19
N ALA A 414 8.69 -8.09 -24.64
CA ALA A 414 7.46 -7.44 -25.16
C ALA A 414 7.34 -6.10 -24.46
N LEU A 415 7.97 -5.06 -25.02
CA LEU A 415 8.20 -3.78 -24.33
C LEU A 415 7.59 -2.58 -25.05
N THR A 416 7.03 -2.72 -26.24
CA THR A 416 6.62 -1.51 -27.02
C THR A 416 5.36 -0.86 -26.38
N ALA A 417 4.32 -1.64 -26.06
CA ALA A 417 3.10 -1.14 -25.38
C ALA A 417 3.50 -0.57 -24.00
N LEU A 418 4.30 -1.31 -23.22
CA LEU A 418 4.65 -0.88 -21.86
C LEU A 418 5.30 0.49 -21.88
N ASN A 419 6.33 0.69 -22.74
CA ASN A 419 7.11 1.94 -22.81
C ASN A 419 6.18 3.03 -23.39
N ASP A 420 5.34 2.69 -24.37
CA ASP A 420 4.49 3.71 -25.02
C ASP A 420 3.35 4.16 -24.06
N MET A 421 2.90 3.32 -23.12
CA MET A 421 1.90 3.75 -22.09
C MET A 421 2.58 4.64 -21.08
N GLY A 422 3.91 4.76 -21.10
CA GLY A 422 4.70 5.58 -20.16
C GLY A 422 5.15 4.81 -18.93
N LYS A 423 4.84 3.53 -18.82
CA LYS A 423 5.19 2.70 -17.61
C LYS A 423 6.62 2.12 -17.74
N VAL A 424 7.62 2.99 -17.87
CA VAL A 424 9.04 2.61 -18.14
C VAL A 424 9.60 1.92 -16.88
N ARG A 425 10.30 0.80 -17.07
CA ARG A 425 10.85 -0.05 -15.98
C ARG A 425 12.04 0.66 -15.31
N LYS A 426 12.12 0.55 -13.98
CA LYS A 426 13.20 1.13 -13.14
C LYS A 426 14.41 0.18 -13.10
N ASP A 427 15.61 0.70 -13.38
CA ASP A 427 16.90 0.00 -13.13
C ASP A 427 17.24 -0.91 -14.32
N ILE A 428 16.87 -0.51 -15.55
CA ILE A 428 17.15 -1.33 -16.76
C ILE A 428 16.97 -0.46 -18.01
N GLN A 429 17.94 -0.50 -18.94
CA GLN A 429 17.88 0.24 -20.22
C GLN A 429 16.47 0.08 -20.81
N GLN A 430 15.90 1.17 -21.34
CA GLN A 430 14.52 1.20 -21.85
C GLN A 430 14.19 -0.12 -22.57
N TRP A 431 15.12 -0.66 -23.37
CA TRP A 431 14.83 -1.77 -24.32
C TRP A 431 15.62 -3.03 -23.95
N GLU A 432 16.24 -3.07 -22.77
CA GLU A 432 16.87 -4.29 -22.21
C GLU A 432 15.76 -5.21 -21.70
N PRO A 433 15.67 -6.47 -22.19
CA PRO A 433 14.61 -7.40 -21.80
C PRO A 433 14.62 -7.81 -20.32
N SER A 434 13.43 -7.92 -19.73
CA SER A 434 13.26 -8.06 -18.26
C SER A 434 14.01 -9.29 -17.77
N ARG A 435 14.60 -9.20 -16.57
CA ARG A 435 15.16 -10.34 -15.80
C ARG A 435 14.01 -11.14 -15.16
N GLY A 436 13.98 -12.46 -15.35
CA GLY A 436 12.92 -13.35 -14.82
C GLY A 436 13.35 -14.06 -13.55
N TRP A 437 12.43 -14.30 -12.61
CA TRP A 437 12.77 -15.07 -11.40
C TRP A 437 12.32 -16.50 -11.61
N ASN A 438 13.20 -17.46 -11.38
CA ASN A 438 12.91 -18.88 -11.60
C ASN A 438 12.28 -19.53 -10.37
N ASP A 439 12.23 -18.89 -9.20
CA ASP A 439 11.71 -19.58 -7.98
C ASP A 439 10.87 -18.55 -7.23
N TRP A 440 9.60 -18.86 -6.99
CA TRP A 440 8.64 -17.94 -6.33
C TRP A 440 9.19 -17.48 -4.95
N THR A 441 10.07 -18.26 -4.33
CA THR A 441 10.66 -17.88 -2.99
C THR A 441 11.70 -16.79 -3.12
N GLN A 442 12.09 -16.40 -4.34
CA GLN A 442 13.07 -15.33 -4.60
C GLN A 442 12.38 -14.05 -5.08
N VAL A 443 11.17 -14.15 -5.54
CA VAL A 443 10.43 -13.01 -6.16
C VAL A 443 10.17 -11.92 -5.14
N PRO A 444 10.50 -10.65 -5.42
CA PRO A 444 10.10 -9.56 -4.52
C PRO A 444 8.62 -9.16 -4.72
N PHE A 445 7.89 -8.89 -3.63
CA PHE A 445 6.50 -8.34 -3.70
C PHE A 445 6.20 -7.64 -2.39
N CYS A 446 5.61 -6.44 -2.49
CA CYS A 446 5.15 -5.64 -1.28
C CYS A 446 6.27 -5.56 -0.26
N SER A 447 7.50 -5.30 -0.72
CA SER A 447 8.72 -5.09 0.11
C SER A 447 9.19 -6.38 0.79
N HIS A 448 8.65 -7.55 0.43
CA HIS A 448 8.97 -8.86 1.07
C HIS A 448 9.46 -9.88 0.04
N HIS A 449 10.05 -10.94 0.54
CA HIS A 449 10.12 -12.28 -0.11
C HIS A 449 9.52 -13.30 0.84
N PHE A 450 9.34 -14.53 0.40
CA PHE A 450 8.54 -15.55 1.10
C PHE A 450 9.29 -16.86 1.21
N HIS A 451 9.30 -17.45 2.41
CA HIS A 451 9.98 -18.76 2.66
C HIS A 451 8.96 -19.88 2.80
N GLU A 452 9.32 -21.10 2.36
CA GLU A 452 8.54 -22.32 2.62
C GLU A 452 9.13 -22.96 3.88
N LEU A 453 8.36 -23.07 4.93
CA LEU A 453 8.92 -23.47 6.26
C LEU A 453 8.14 -24.69 6.77
N ILE A 454 8.85 -25.78 7.06
CA ILE A 454 8.15 -27.07 7.34
C ILE A 454 8.19 -27.29 8.85
N MET A 455 7.00 -27.50 9.41
CA MET A 455 6.82 -27.69 10.87
C MET A 455 7.29 -29.09 11.24
N LYS A 456 7.83 -29.23 12.46
N LYS A 456 7.82 -29.24 12.46
CA LYS A 456 8.30 -30.54 12.99
CA LYS A 456 8.30 -30.55 12.99
C LYS A 456 7.23 -31.61 12.73
C LYS A 456 7.22 -31.61 12.70
N ASP A 457 5.95 -31.22 12.70
CA ASP A 457 4.82 -32.16 12.44
C ASP A 457 4.50 -32.34 10.93
N GLY A 458 5.29 -31.78 10.01
CA GLY A 458 5.12 -32.03 8.57
C GLY A 458 4.27 -30.99 7.86
N ARG A 459 3.55 -30.13 8.57
CA ARG A 459 2.67 -29.14 7.91
C ARG A 459 3.55 -27.99 7.37
N VAL A 460 3.04 -27.33 6.36
CA VAL A 460 3.79 -26.33 5.56
C VAL A 460 3.27 -24.92 5.81
N LEU A 461 4.19 -24.04 6.26
CA LEU A 461 3.91 -22.59 6.37
C LEU A 461 4.61 -21.87 5.20
N VAL A 462 3.93 -20.90 4.61
CA VAL A 462 4.59 -19.93 3.69
C VAL A 462 4.61 -18.58 4.41
N VAL A 463 5.80 -18.09 4.74
CA VAL A 463 5.98 -16.94 5.67
C VAL A 463 6.61 -15.76 4.97
N PRO A 464 6.19 -14.54 5.37
CA PRO A 464 6.78 -13.30 4.86
C PRO A 464 8.12 -13.00 5.53
N CYS A 465 9.00 -12.32 4.81
CA CYS A 465 10.39 -12.06 5.28
C CYS A 465 10.94 -10.83 4.58
N ARG A 466 11.79 -10.07 5.29
CA ARG A 466 12.64 -9.09 4.63
C ARG A 466 13.87 -8.90 5.49
N ASN A 467 14.83 -8.17 4.95
CA ASN A 467 16.12 -8.00 5.66
C ASN A 467 15.82 -7.46 7.08
N GLN A 468 16.40 -8.07 8.13
CA GLN A 468 16.00 -7.85 9.53
C GLN A 468 16.40 -6.44 9.96
N ASP A 469 17.45 -5.88 9.34
CA ASP A 469 17.84 -4.49 9.69
C ASP A 469 16.71 -3.54 9.34
N GLU A 470 15.96 -3.80 8.28
CA GLU A 470 14.85 -2.89 7.90
C GLU A 470 13.71 -3.01 8.93
N LEU A 471 13.42 -4.23 9.41
CA LEU A 471 12.37 -4.46 10.41
C LEU A 471 12.70 -3.80 11.75
N ILE A 472 13.92 -4.00 12.23
CA ILE A 472 14.36 -3.40 13.52
C ILE A 472 14.42 -1.89 13.40
N GLY A 473 15.02 -1.39 12.31
CA GLY A 473 15.13 0.06 12.13
C GLY A 473 13.77 0.77 12.05
N ARG A 474 12.79 0.14 11.45
CA ARG A 474 11.43 0.75 11.38
C ARG A 474 10.78 0.74 12.80
N ALA A 475 10.89 -0.34 13.57
CA ALA A 475 10.23 -0.46 14.90
C ALA A 475 10.84 0.54 15.89
N ARG A 476 12.05 1.06 15.61
CA ARG A 476 12.75 2.03 16.49
C ARG A 476 12.33 3.46 16.18
N ILE A 477 11.41 3.65 15.25
CA ILE A 477 11.00 5.01 14.83
C ILE A 477 9.53 5.24 15.14
N SER A 478 9.26 6.47 15.56
N SER A 478 9.20 6.47 15.57
CA SER A 478 7.91 7.08 15.76
CA SER A 478 7.82 6.99 15.77
C SER A 478 7.79 8.32 14.85
C SER A 478 7.69 8.40 15.19
N GLN A 479 6.57 8.72 14.53
CA GLN A 479 6.33 10.03 13.87
C GLN A 479 5.33 10.83 14.71
N GLY A 480 5.59 12.13 14.83
CA GLY A 480 4.71 13.06 15.59
C GLY A 480 5.18 13.39 17.00
N ALA A 481 4.58 14.45 17.56
CA ALA A 481 4.90 15.01 18.87
C ALA A 481 3.91 14.52 19.94
N GLY A 482 4.27 14.74 21.19
CA GLY A 482 3.42 14.63 22.39
C GLY A 482 3.26 13.19 22.80
N TRP A 483 4.20 12.28 22.46
CA TRP A 483 4.01 10.88 22.92
C TRP A 483 4.33 10.75 24.42
N SER A 484 3.38 10.25 25.20
CA SER A 484 3.66 9.85 26.59
C SER A 484 4.59 8.63 26.58
N LEU A 485 5.12 8.25 27.75
CA LEU A 485 5.86 6.98 27.89
C LEU A 485 4.91 5.77 27.63
N ARG A 486 3.65 5.88 28.12
CA ARG A 486 2.67 4.80 27.90
C ARG A 486 2.41 4.67 26.40
N GLU A 487 2.19 5.75 25.68
CA GLU A 487 1.81 5.61 24.26
C GLU A 487 3.03 5.02 23.49
N THR A 488 4.25 5.46 23.86
CA THR A 488 5.50 4.96 23.21
C THR A 488 5.59 3.46 23.47
N ALA A 489 5.37 3.04 24.73
CA ALA A 489 5.33 1.60 25.09
C ALA A 489 4.29 0.84 24.27
N CYS A 490 3.09 1.40 24.12
CA CYS A 490 1.99 0.70 23.40
C CYS A 490 2.36 0.60 21.90
N LEU A 491 3.03 1.58 21.30
CA LEU A 491 3.53 1.46 19.89
C LEU A 491 4.62 0.38 19.78
N GLY A 492 5.51 0.28 20.77
CA GLY A 492 6.48 -0.82 20.82
C GLY A 492 5.84 -2.18 20.86
N LYS A 493 4.79 -2.29 21.65
CA LYS A 493 3.99 -3.54 21.74
C LYS A 493 3.31 -3.85 20.40
N SER A 494 2.80 -2.91 19.63
CA SER A 494 2.28 -3.18 18.28
C SER A 494 3.34 -3.88 17.44
N TYR A 495 4.55 -3.30 17.35
CA TYR A 495 5.64 -3.89 16.55
C TYR A 495 5.94 -5.31 17.02
N ALA A 496 6.06 -5.48 18.35
CA ALA A 496 6.35 -6.78 18.96
C ALA A 496 5.31 -7.81 18.55
N GLN A 497 4.02 -7.46 18.67
CA GLN A 497 2.99 -8.46 18.29
C GLN A 497 3.02 -8.77 16.76
N MET A 498 3.28 -7.76 15.93
CA MET A 498 3.41 -8.00 14.48
C MET A 498 4.53 -8.99 14.26
N TRP A 499 5.65 -8.80 14.94
CA TRP A 499 6.81 -9.71 14.79
C TRP A 499 6.41 -11.15 15.18
N SER A 500 5.66 -11.32 16.29
N SER A 500 5.68 -11.31 16.30
CA SER A 500 5.24 -12.64 16.81
CA SER A 500 5.23 -12.65 16.80
C SER A 500 4.35 -13.35 15.78
C SER A 500 4.41 -13.34 15.71
N LEU A 501 3.54 -12.59 15.05
CA LEU A 501 2.58 -13.16 14.10
C LEU A 501 3.18 -13.38 12.69
N MET A 502 4.02 -12.48 12.19
CA MET A 502 4.47 -12.47 10.81
C MET A 502 5.92 -12.97 10.75
N TYR A 503 6.77 -12.62 11.73
CA TYR A 503 8.23 -12.86 11.65
C TYR A 503 8.75 -13.78 12.76
N PHE A 504 7.88 -14.61 13.32
CA PHE A 504 8.20 -15.54 14.44
C PHE A 504 9.37 -16.47 14.05
N HIS A 505 9.54 -16.69 12.75
CA HIS A 505 10.61 -17.56 12.17
C HIS A 505 12.01 -16.94 12.17
N ARG A 506 12.15 -15.68 12.58
CA ARG A 506 13.41 -14.96 12.70
C ARG A 506 13.78 -15.01 14.20
N ARG A 507 14.83 -15.74 14.56
CA ARG A 507 15.23 -15.96 15.96
C ARG A 507 15.31 -14.65 16.72
N ASP A 508 15.95 -13.60 16.19
CA ASP A 508 16.18 -12.33 16.91
C ASP A 508 14.82 -11.61 17.13
N LEU A 509 13.88 -11.74 16.18
CA LEU A 509 12.61 -10.99 16.29
C LEU A 509 11.69 -11.70 17.26
N ARG A 510 11.75 -13.02 17.34
CA ARG A 510 10.86 -13.73 18.28
C ARG A 510 11.36 -13.38 19.69
N LEU A 511 12.69 -13.33 19.91
CA LEU A 511 13.26 -13.02 21.25
C LEU A 511 12.91 -11.57 21.58
N ALA A 512 13.13 -10.65 20.66
CA ALA A 512 12.96 -9.21 20.93
C ALA A 512 11.45 -8.92 21.19
N ALA A 513 10.56 -9.59 20.49
CA ALA A 513 9.08 -9.49 20.65
C ALA A 513 8.69 -9.96 22.05
N ASN A 514 9.22 -11.13 22.42
CA ASN A 514 8.97 -11.66 23.78
C ASN A 514 9.49 -10.68 24.83
N ALA A 515 10.66 -10.11 24.64
CA ALA A 515 11.22 -9.11 25.57
C ALA A 515 10.30 -7.87 25.66
N ILE A 516 9.93 -7.27 24.55
CA ILE A 516 9.11 -6.03 24.55
C ILE A 516 7.77 -6.34 25.26
N CYS A 517 7.12 -7.48 24.93
CA CYS A 517 5.81 -7.83 25.53
C CYS A 517 6.00 -8.12 27.04
N SER A 518 7.20 -8.50 27.46
CA SER A 518 7.47 -8.74 28.90
C SER A 518 7.67 -7.39 29.61
N ALA A 519 8.16 -6.38 28.89
CA ALA A 519 8.59 -5.07 29.45
C ALA A 519 7.42 -4.08 29.51
N VAL A 520 6.38 -4.30 28.74
CA VAL A 520 5.21 -3.40 28.63
C VAL A 520 4.07 -4.02 29.46
N PRO A 521 3.36 -3.25 30.33
CA PRO A 521 2.29 -3.85 31.12
C PRO A 521 1.37 -4.75 30.26
N SER A 522 1.11 -5.94 30.81
N SER A 522 1.08 -5.93 30.81
CA SER A 522 0.31 -7.03 30.19
CA SER A 522 0.33 -7.03 30.15
C SER A 522 -0.97 -6.48 29.55
C SER A 522 -0.98 -6.50 29.56
N HIS A 523 -1.70 -5.62 30.27
CA HIS A 523 -3.07 -5.21 29.86
C HIS A 523 -3.06 -3.96 29.01
N TRP A 524 -1.91 -3.33 28.78
CA TRP A 524 -1.90 -2.09 27.95
C TRP A 524 -2.12 -2.47 26.48
N VAL A 525 -2.92 -1.68 25.80
CA VAL A 525 -3.47 -1.97 24.45
C VAL A 525 -2.49 -1.46 23.40
N PRO A 526 -2.08 -2.29 22.44
CA PRO A 526 -1.24 -1.79 21.34
C PRO A 526 -1.89 -0.62 20.59
N THR A 527 -1.10 0.36 20.18
CA THR A 527 -1.61 1.54 19.45
C THR A 527 -0.74 1.86 18.25
N SER A 528 -1.31 2.59 17.30
CA SER A 528 -0.59 3.22 16.16
C SER A 528 -1.44 4.39 15.69
N ARG A 529 -0.86 5.60 15.63
CA ARG A 529 -1.57 6.83 15.20
C ARG A 529 -1.97 6.70 13.73
N ALA A 536 -5.16 -4.89 4.50
CA ALA A 536 -4.34 -5.89 5.21
C ALA A 536 -4.97 -6.21 6.57
N THR A 537 -4.79 -7.45 7.05
CA THR A 537 -5.28 -7.93 8.38
C THR A 537 -4.18 -7.71 9.43
N HIS A 538 -4.30 -6.60 10.17
N HIS A 538 -4.33 -6.61 10.18
CA HIS A 538 -3.43 -6.26 11.34
CA HIS A 538 -3.48 -6.23 11.33
C HIS A 538 -3.98 -6.95 12.58
C HIS A 538 -4.01 -6.93 12.58
N GLU A 539 -3.87 -8.27 12.64
CA GLU A 539 -4.42 -9.11 13.74
C GLU A 539 -3.61 -8.92 15.02
N TRP A 540 -2.47 -8.23 14.95
CA TRP A 540 -1.60 -7.98 16.13
C TRP A 540 -2.13 -6.77 16.92
N MET A 541 -3.10 -6.03 16.38
CA MET A 541 -3.72 -4.87 17.09
C MET A 541 -4.84 -5.41 18.00
N THR A 542 -4.46 -6.06 19.11
CA THR A 542 -5.37 -6.81 20.03
C THR A 542 -4.67 -7.11 21.35
N THR A 543 -5.42 -7.35 22.43
CA THR A 543 -4.88 -7.79 23.74
C THR A 543 -5.15 -9.28 23.92
N GLU A 544 -5.73 -9.95 22.92
CA GLU A 544 -5.82 -11.43 22.95
C GLU A 544 -4.43 -12.09 23.00
N ASP A 545 -4.33 -13.28 23.60
CA ASP A 545 -3.07 -14.05 23.75
C ASP A 545 -2.47 -14.34 22.34
N MET A 546 -1.17 -14.08 22.12
CA MET A 546 -0.57 -14.15 20.74
C MET A 546 -0.51 -15.60 20.24
N LEU A 547 -0.43 -16.61 21.12
CA LEU A 547 -0.53 -18.02 20.66
C LEU A 547 -1.93 -18.28 20.06
N THR A 548 -2.98 -17.82 20.71
CA THR A 548 -4.36 -18.01 20.22
C THR A 548 -4.50 -17.31 18.87
N VAL A 549 -3.98 -16.08 18.73
CA VAL A 549 -4.08 -15.38 17.43
C VAL A 549 -3.26 -16.14 16.37
N TRP A 550 -2.09 -16.63 16.74
CA TRP A 550 -1.20 -17.35 15.78
C TRP A 550 -1.99 -18.55 15.25
N ASN A 551 -2.59 -19.32 16.17
CA ASN A 551 -3.39 -20.51 15.77
C ASN A 551 -4.53 -20.12 14.84
N ARG A 552 -5.22 -19.03 15.10
CA ARG A 552 -6.37 -18.63 14.29
C ARG A 552 -5.87 -18.30 12.87
N VAL A 553 -4.75 -17.57 12.76
CA VAL A 553 -4.30 -16.99 11.47
C VAL A 553 -3.61 -18.08 10.61
N TRP A 554 -2.74 -18.87 11.21
CA TRP A 554 -1.85 -19.80 10.49
C TRP A 554 -2.49 -21.15 10.38
N ILE A 555 -3.45 -21.52 11.25
CA ILE A 555 -4.01 -22.90 11.22
C ILE A 555 -5.51 -22.79 10.87
N GLN A 556 -6.34 -22.24 11.78
CA GLN A 556 -7.82 -22.40 11.74
C GLN A 556 -8.35 -21.77 10.46
N GLU A 557 -7.97 -20.51 10.17
CA GLU A 557 -8.53 -19.71 9.06
C GLU A 557 -7.65 -19.81 7.81
N ASN A 558 -6.59 -20.62 7.82
CA ASN A 558 -5.63 -20.70 6.70
C ASN A 558 -6.18 -21.69 5.68
N PRO A 559 -6.67 -21.24 4.50
CA PRO A 559 -7.23 -22.16 3.53
C PRO A 559 -6.20 -23.09 2.88
N TRP A 560 -4.90 -22.84 3.09
CA TRP A 560 -3.87 -23.74 2.52
C TRP A 560 -3.45 -24.82 3.54
N MET A 561 -4.00 -24.83 4.76
CA MET A 561 -3.64 -25.80 5.84
C MET A 561 -4.84 -26.75 6.01
N GLU A 562 -4.74 -28.00 5.56
CA GLU A 562 -5.85 -28.98 5.68
C GLU A 562 -5.99 -29.51 7.11
N ASP A 563 -4.90 -29.89 7.78
CA ASP A 563 -4.96 -30.38 9.19
C ASP A 563 -5.12 -29.19 10.12
N LYS A 564 -6.25 -29.08 10.83
CA LYS A 564 -6.55 -27.96 11.76
C LYS A 564 -6.08 -28.24 13.20
N THR A 565 -5.21 -29.21 13.43
CA THR A 565 -4.77 -29.53 14.80
C THR A 565 -4.11 -28.29 15.39
N PRO A 566 -4.59 -27.75 16.54
CA PRO A 566 -3.99 -26.53 17.11
C PRO A 566 -2.56 -26.81 17.55
N VAL A 567 -1.75 -25.75 17.58
CA VAL A 567 -0.40 -25.81 18.18
C VAL A 567 -0.57 -25.46 19.66
N GLU A 568 0.10 -26.19 20.55
CA GLU A 568 -0.12 -26.11 22.01
C GLU A 568 0.91 -25.17 22.63
N SER A 569 2.03 -24.92 21.95
CA SER A 569 3.06 -24.03 22.52
C SER A 569 3.93 -23.41 21.43
N TRP A 570 4.64 -22.38 21.80
CA TRP A 570 5.52 -21.67 20.82
C TRP A 570 6.67 -22.59 20.34
N GLU A 571 7.08 -23.59 21.13
CA GLU A 571 8.25 -24.44 20.74
C GLU A 571 7.84 -25.40 19.60
N GLU A 572 6.54 -25.59 19.33
CA GLU A 572 6.10 -26.29 18.09
C GLU A 572 6.26 -25.40 16.83
N ILE A 573 6.47 -24.10 16.97
CA ILE A 573 6.44 -23.17 15.83
C ILE A 573 7.90 -22.98 15.39
N PRO A 574 8.22 -23.30 14.13
CA PRO A 574 9.62 -23.37 13.68
C PRO A 574 10.24 -22.00 13.35
N TYR A 575 11.56 -22.03 13.19
CA TYR A 575 12.40 -20.96 12.63
C TYR A 575 12.88 -21.35 11.22
N LEU A 576 13.33 -20.36 10.46
CA LEU A 576 14.19 -20.59 9.29
C LEU A 576 15.39 -21.40 9.73
N GLY A 577 16.06 -22.09 8.82
CA GLY A 577 17.41 -22.64 9.12
C GLY A 577 18.34 -21.53 9.66
N LYS A 578 19.32 -21.90 10.47
CA LYS A 578 20.28 -20.95 11.09
C LYS A 578 21.03 -20.14 10.01
N ARG A 579 21.44 -20.79 8.92
CA ARG A 579 22.17 -20.12 7.83
C ARG A 579 21.21 -19.20 7.10
N GLU A 580 20.00 -19.64 6.81
CA GLU A 580 18.97 -18.80 6.13
C GLU A 580 18.66 -17.56 6.97
N ASP A 581 18.61 -17.69 8.27
CA ASP A 581 18.30 -16.57 9.21
C ASP A 581 19.44 -15.54 9.13
N GLN A 582 20.71 -16.03 9.10
CA GLN A 582 21.87 -15.11 8.91
C GLN A 582 21.76 -14.40 7.54
N TRP A 583 21.50 -15.14 6.46
CA TRP A 583 21.37 -14.57 5.11
C TRP A 583 20.39 -13.38 5.14
N CYS A 584 19.29 -13.52 5.87
CA CYS A 584 18.21 -12.50 5.93
C CYS A 584 18.43 -11.48 7.08
N GLY A 585 19.66 -11.40 7.65
CA GLY A 585 20.21 -10.32 8.50
C GLY A 585 20.31 -10.66 9.98
N SER A 586 20.05 -11.89 10.40
CA SER A 586 20.12 -12.26 11.85
C SER A 586 21.54 -12.03 12.37
N LEU A 587 21.66 -11.70 13.65
CA LEU A 587 22.97 -11.60 14.35
C LEU A 587 23.32 -12.91 15.05
N ILE A 588 22.53 -13.97 14.87
CA ILE A 588 22.79 -15.25 15.61
C ILE A 588 24.21 -15.73 15.32
N GLY A 589 25.04 -15.83 16.36
CA GLY A 589 26.43 -16.28 16.21
C GLY A 589 27.43 -15.17 16.41
N LEU A 590 26.95 -13.98 16.72
CA LEU A 590 27.87 -12.86 17.05
C LEU A 590 28.04 -12.92 18.56
N THR A 591 29.22 -12.54 19.06
CA THR A 591 29.44 -12.71 20.51
C THR A 591 28.37 -11.93 21.25
N SER A 592 28.13 -10.74 20.78
CA SER A 592 27.18 -9.81 21.40
C SER A 592 25.74 -10.29 21.37
N ARG A 593 25.27 -10.79 20.23
CA ARG A 593 23.89 -11.34 20.16
C ARG A 593 23.76 -12.37 21.29
N ALA A 594 24.88 -12.93 21.75
CA ALA A 594 24.78 -13.97 22.79
C ALA A 594 24.70 -13.28 24.13
N THR A 595 25.40 -12.14 24.26
CA THR A 595 25.39 -11.36 25.52
C THR A 595 23.99 -10.80 25.70
N TRP A 596 23.38 -10.37 24.60
CA TRP A 596 22.04 -9.74 24.62
C TRP A 596 20.97 -10.78 24.99
N ALA A 597 20.96 -11.94 24.34
CA ALA A 597 20.02 -13.02 24.72
C ALA A 597 20.26 -13.49 26.16
N LYS A 598 21.51 -13.64 26.61
CA LYS A 598 21.85 -14.14 27.97
C LYS A 598 21.34 -13.18 29.05
N ASN A 599 21.51 -11.89 28.86
CA ASN A 599 21.18 -10.85 29.85
C ASN A 599 19.82 -10.20 29.57
N ILE A 600 18.95 -10.82 28.80
CA ILE A 600 17.71 -10.07 28.38
C ILE A 600 16.84 -9.62 29.59
N GLN A 601 16.83 -10.39 30.69
N GLN A 601 16.85 -10.39 30.70
CA GLN A 601 15.98 -10.03 31.87
CA GLN A 601 15.99 -10.05 31.86
C GLN A 601 16.46 -8.71 32.46
C GLN A 601 16.46 -8.71 32.46
N THR A 602 17.75 -8.39 32.37
CA THR A 602 18.31 -7.07 32.78
C THR A 602 17.76 -5.95 31.91
N ALA A 603 17.59 -6.17 30.61
CA ALA A 603 17.09 -5.11 29.71
C ALA A 603 15.61 -4.92 29.97
N ILE A 604 14.90 -6.03 30.15
CA ILE A 604 13.43 -5.99 30.41
C ILE A 604 13.19 -5.20 31.71
N ASN A 605 14.04 -5.46 32.71
CA ASN A 605 13.94 -4.82 34.04
C ASN A 605 14.27 -3.34 33.93
N GLN A 606 15.21 -2.94 33.07
CA GLN A 606 15.49 -1.52 32.90
C GLN A 606 14.23 -0.80 32.45
N VAL A 607 13.55 -1.31 31.42
CA VAL A 607 12.33 -0.70 30.85
C VAL A 607 11.20 -0.77 31.90
N ARG A 608 11.03 -1.91 32.57
CA ARG A 608 10.01 -1.98 33.68
C ARG A 608 10.23 -0.88 34.71
N SER A 609 11.48 -0.67 35.11
CA SER A 609 11.84 0.34 36.13
C SER A 609 11.47 1.75 35.61
N LEU A 610 11.70 2.05 34.34
CA LEU A 610 11.25 3.34 33.76
C LEU A 610 9.72 3.46 33.79
N ILE A 611 8.99 2.45 33.36
CA ILE A 611 7.51 2.56 33.24
C ILE A 611 6.87 2.63 34.66
N GLY A 612 7.44 1.90 35.61
CA GLY A 612 7.06 1.95 37.04
C GLY A 612 6.33 0.69 37.49
N ASN A 613 5.62 0.80 38.63
CA ASN A 613 4.97 -0.33 39.34
C ASN A 613 3.65 -0.67 38.63
N GLU A 614 3.67 -1.71 37.80
CA GLU A 614 2.58 -2.04 36.86
C GLU A 614 2.43 -3.56 36.84
N GLU A 615 1.33 -4.08 36.28
CA GLU A 615 1.17 -5.55 36.14
C GLU A 615 1.87 -5.98 34.85
N TYR A 616 2.90 -6.82 35.00
CA TYR A 616 3.74 -7.36 33.92
C TYR A 616 3.62 -8.89 33.88
N THR A 617 3.83 -9.48 32.70
CA THR A 617 3.93 -10.96 32.49
C THR A 617 5.33 -11.26 31.92
N ASP A 618 5.96 -12.35 32.37
CA ASP A 618 7.23 -12.85 31.79
C ASP A 618 6.90 -13.76 30.60
N TYR A 619 7.10 -13.31 29.35
CA TYR A 619 6.89 -14.21 28.19
C TYR A 619 8.15 -14.96 27.80
N MET A 620 9.32 -14.72 28.43
CA MET A 620 10.59 -15.31 27.93
C MET A 620 10.60 -16.85 28.05
N PRO A 621 10.05 -17.51 29.11
CA PRO A 621 10.05 -18.98 29.17
C PRO A 621 9.13 -19.72 28.17
N SER A 622 8.40 -19.01 27.28
CA SER A 622 7.79 -19.61 26.05
C SER A 622 8.92 -20.10 25.11
N MET A 623 10.16 -19.63 25.34
CA MET A 623 11.34 -20.03 24.53
C MET A 623 12.13 -21.06 25.33
N LYS A 624 12.39 -22.24 24.75
CA LYS A 624 13.16 -23.38 25.36
C LYS A 624 14.41 -22.90 26.15
N ARG A 625 15.18 -21.95 25.62
CA ARG A 625 16.48 -21.50 26.19
C ARG A 625 16.32 -20.82 27.58
N PHE A 626 15.18 -20.18 27.87
CA PHE A 626 14.87 -19.49 29.16
C PHE A 626 13.92 -20.40 29.98
N ARG A 627 13.68 -21.60 29.46
CA ARG A 627 12.75 -22.56 30.11
C ARG A 627 13.57 -23.55 30.95
N ARG A 628 14.37 -23.02 31.89
CA ARG A 628 15.14 -23.80 32.90
C ARG A 628 16.06 -24.82 32.21
ZN ZN B . 14.17 -14.14 4.26
ZN ZN C . -14.80 20.73 -5.83
O1 MES D . 12.10 7.48 29.03
O1 MES D . 11.84 7.27 28.29
C2 MES D . 13.30 8.24 29.04
C2 MES D . 13.11 7.88 28.43
C3 MES D . 13.95 8.25 27.68
C3 MES D . 14.05 7.46 27.33
N4 MES D . 14.23 6.87 27.24
N4 MES D . 14.21 5.98 27.34
C5 MES D . 12.98 6.06 27.26
C5 MES D . 12.87 5.33 27.25
C6 MES D . 12.34 6.14 28.63
C6 MES D . 11.98 5.86 28.36
C7 MES D . 14.88 6.83 25.89
C7 MES D . 15.13 5.50 26.25
C8 MES D . 15.64 5.55 25.66
C8 MES D . 15.49 6.59 25.25
S MES D . 16.77 5.69 24.27
S MES D . 16.89 6.14 24.24
O1S MES D . 17.89 6.34 24.71
O1S MES D . 17.70 5.28 25.07
O2S MES D . 16.96 4.26 23.89
O2S MES D . 16.37 5.47 23.09
O3S MES D . 15.99 6.36 23.24
O3S MES D . 17.56 7.37 23.92
S DMS E . 4.46 -12.52 23.57
O DMS E . 4.25 -14.12 23.38
C1 DMS E . 2.85 -11.81 23.49
C2 DMS E . 4.98 -12.01 21.95
S DMS F . 2.90 -0.45 13.84
O DMS F . 1.54 -0.39 14.48
C1 DMS F . 2.66 0.06 12.15
C2 DMS F . 3.22 -2.17 13.52
C1 PEG G . -7.89 -7.16 14.27
O1 PEG G . -7.97 -8.51 14.72
C2 PEG G . -7.68 -6.19 15.39
O2 PEG G . -7.12 -4.98 14.88
C3 PEG G . -7.57 -3.82 15.59
C4 PEG G . -7.54 -2.62 14.68
O4 PEG G . -6.50 -1.72 15.01
P PO4 H . 8.04 -5.68 -6.97
O1 PO4 H . 9.48 -5.84 -7.63
O2 PO4 H . 7.36 -4.51 -7.65
O3 PO4 H . 7.18 -7.01 -7.14
O4 PO4 H . 8.15 -5.38 -5.47
P PO4 I . -19.58 9.74 -19.60
O1 PO4 I . -18.34 10.52 -19.08
O2 PO4 I . -19.20 9.06 -20.92
O3 PO4 I . -20.00 8.67 -18.55
O4 PO4 I . -20.76 10.73 -19.85
C1 PEG J . -7.30 -19.65 -2.42
O1 PEG J . -7.87 -19.44 -1.14
C2 PEG J . -7.06 -21.09 -2.69
O2 PEG J . -6.99 -21.80 -1.45
C3 PEG J . -7.37 -23.17 -1.58
C4 PEG J . -6.18 -24.04 -1.82
O4 PEG J . -6.08 -25.09 -0.88
N1 O0J K . 26.64 -20.63 9.19
C4 O0J K . 26.65 -21.09 15.14
C5 O0J K . 26.01 -20.87 13.92
C6 O0J K . 24.69 -20.40 13.94
C7 O0J K . 24.04 -20.18 15.13
C8 O0J K . 26.70 -21.11 12.65
C10 O0J K . 26.92 -20.95 10.44
N O0J K . 23.97 -20.23 17.55
C O0J K . 22.02 -19.44 18.68
O O0J K . 22.03 -21.35 17.26
C1 O0J K . 22.66 -20.43 17.77
C2 O0J K . 24.67 -20.42 16.33
C3 O0J K . 25.99 -20.87 16.33
C9 O0J K . 27.94 -21.65 12.52
N2 O0J K . 26.11 -20.71 11.46
S O0J K . 28.43 -21.69 10.88
CL CL L . 15.54 -16.90 -9.12
#